data_5DNO
#
_entry.id   5DNO
#
_cell.length_a   77.527
_cell.length_b   77.527
_cell.length_c   65.529
_cell.angle_alpha   90.000
_cell.angle_beta   90.000
_cell.angle_gamma   120.000
#
_symmetry.space_group_name_H-M   'P 65'
#
loop_
_entity.id
_entity.type
_entity.pdbx_description
1 polymer 'YTH domain-containing protein mmi1'
2 polymer "RNA (5'-R(*CP*UP*UP*AP*AP*AP*C)-3')"
3 water water
#
loop_
_entity_poly.entity_id
_entity_poly.type
_entity_poly.pdbx_seq_one_letter_code
_entity_poly.pdbx_strand_id
1 'polypeptide(L)'
;MGSSHHHHHAMSEHRNEKGERISMINPRVVLDENGISHRSRYFIMLCDNETAIAHAKKTSIWAVKKDSSKRISDAYKKAS
VYFIFVAQQTYNALGYAQVVSDLNSTELPFWSDSSHAGGVRIKWIKTCNLFSAEISEIVSHMDHGSEARDGMEMMYDEGS
RLCTLINYAIMKRIGRDR
;
A
2 'polyribonucleotide' CUUAAAC B
#
loop_
_chem_comp.id
_chem_comp.type
_chem_comp.name
_chem_comp.formula
A RNA linking ADENOSINE-5'-MONOPHOSPHATE 'C10 H14 N5 O7 P'
C RNA linking CYTIDINE-5'-MONOPHOSPHATE 'C9 H14 N3 O8 P'
U RNA linking URIDINE-5'-MONOPHOSPHATE 'C9 H13 N2 O9 P'
#
# COMPACT_ATOMS: atom_id res chain seq x y z
C ALA A 10 6.91 -10.33 -12.87
N MET A 11 6.82 -9.39 -13.79
CA MET A 11 5.51 -8.85 -14.19
C MET A 11 4.76 -9.77 -15.17
N SER A 12 3.51 -9.40 -15.41
CA SER A 12 2.67 -10.08 -16.37
C SER A 12 3.30 -10.01 -17.74
N GLU A 13 3.36 -11.15 -18.42
CA GLU A 13 3.71 -11.20 -19.82
C GLU A 13 2.48 -11.50 -20.68
N HIS A 14 1.28 -11.28 -20.12
CA HIS A 14 0.04 -11.40 -20.88
C HIS A 14 -0.04 -10.25 -21.88
N ARG A 15 -0.76 -10.49 -22.98
CA ARG A 15 -0.92 -9.54 -24.07
C ARG A 15 -2.37 -9.52 -24.53
N GLU A 20 -0.42 -5.31 -26.54
CA GLU A 20 0.34 -4.63 -25.48
C GLU A 20 0.19 -5.33 -24.13
N ARG A 21 1.05 -4.96 -23.18
CA ARG A 21 1.15 -5.65 -21.90
C ARG A 21 -0.06 -5.40 -21.05
N ILE A 22 -0.63 -6.48 -20.51
CA ILE A 22 -1.83 -6.41 -19.70
C ILE A 22 -1.69 -7.21 -18.40
N SER A 23 -2.51 -6.87 -17.42
CA SER A 23 -2.56 -7.60 -16.15
C SER A 23 -2.89 -9.08 -16.38
N MET A 24 -2.32 -9.94 -15.56
CA MET A 24 -2.64 -11.38 -15.57
C MET A 24 -3.92 -11.71 -14.76
N ILE A 25 -4.45 -10.72 -14.06
CA ILE A 25 -5.70 -10.86 -13.30
C ILE A 25 -6.88 -10.31 -14.12
N ASN A 26 -6.72 -9.08 -14.65
CA ASN A 26 -7.73 -8.45 -15.49
C ASN A 26 -7.15 -8.03 -16.84
N PRO A 27 -7.53 -8.72 -17.93
CA PRO A 27 -6.92 -8.42 -19.24
C PRO A 27 -7.21 -7.01 -19.79
N ARG A 28 -8.23 -6.34 -19.25
CA ARG A 28 -8.51 -4.96 -19.66
C ARG A 28 -7.57 -3.90 -19.07
N VAL A 29 -6.72 -4.27 -18.10
CA VAL A 29 -5.80 -3.31 -17.50
C VAL A 29 -4.47 -3.36 -18.23
N VAL A 30 -4.14 -2.27 -18.91
CA VAL A 30 -2.91 -2.17 -19.70
C VAL A 30 -1.81 -1.68 -18.77
N LEU A 31 -0.64 -2.30 -18.83
CA LEU A 31 0.46 -2.03 -17.91
C LEU A 31 1.63 -1.44 -18.65
N ASP A 32 2.46 -0.67 -17.93
CA ASP A 32 3.73 -0.18 -18.51
C ASP A 32 4.78 -1.30 -18.43
N GLU A 33 6.03 -0.99 -18.73
CA GLU A 33 7.09 -1.99 -18.76
C GLU A 33 7.67 -2.31 -17.37
N ASN A 34 7.10 -1.70 -16.33
CA ASN A 34 7.28 -2.09 -14.93
C ASN A 34 6.06 -2.79 -14.32
N GLY A 35 5.07 -3.13 -15.14
CA GLY A 35 3.87 -3.80 -14.65
C GLY A 35 2.97 -2.93 -13.80
N ILE A 36 3.06 -1.62 -14.02
CA ILE A 36 2.25 -0.62 -13.28
C ILE A 36 1.16 -0.14 -14.20
N SER A 37 -0.04 0.01 -13.64
CA SER A 37 -1.18 0.64 -14.32
C SER A 37 -1.14 2.15 -14.04
N HIS A 38 -1.33 2.95 -15.09
CA HIS A 38 -1.32 4.41 -14.95
C HIS A 38 -2.55 4.97 -14.22
N ARG A 39 -3.59 4.16 -14.03
CA ARG A 39 -4.85 4.57 -13.40
C ARG A 39 -5.01 4.15 -11.92
N SER A 40 -4.34 3.06 -11.51
CA SER A 40 -4.46 2.53 -10.15
C SER A 40 -3.08 2.09 -9.66
N ARG A 41 -2.56 2.75 -8.63
CA ARG A 41 -1.18 2.58 -8.22
C ARG A 41 -1.08 2.28 -6.73
N TYR A 42 -0.11 1.45 -6.39
CA TYR A 42 -0.07 0.80 -5.06
C TYR A 42 1.29 0.92 -4.44
N PHE A 43 1.32 1.36 -3.18
CA PHE A 43 2.57 1.54 -2.44
C PHE A 43 2.47 0.77 -1.13
N ILE A 44 3.57 0.15 -0.72
CA ILE A 44 3.63 -0.60 0.54
C ILE A 44 4.13 0.34 1.64
N MET A 45 3.43 0.35 2.78
CA MET A 45 3.85 1.10 3.96
C MET A 45 4.22 0.03 4.99
N LEU A 46 5.51 -0.11 5.27
CA LEU A 46 5.99 -1.10 6.25
C LEU A 46 5.97 -0.46 7.60
N CYS A 47 5.12 -0.95 8.50
CA CYS A 47 4.88 -0.32 9.81
C CYS A 47 5.62 -1.03 10.91
N ASP A 48 6.42 -0.28 11.66
CA ASP A 48 7.19 -0.82 12.78
C ASP A 48 6.82 -0.14 14.11
N ASN A 49 5.73 0.63 14.12
CA ASN A 49 5.36 1.49 15.24
C ASN A 49 3.87 1.28 15.54
N GLU A 50 3.56 0.65 16.67
CA GLU A 50 2.18 0.35 17.05
C GLU A 50 1.36 1.62 17.23
N THR A 51 1.98 2.65 17.80
CA THR A 51 1.33 3.95 18.02
C THR A 51 0.91 4.60 16.69
N ALA A 52 1.82 4.59 15.72
CA ALA A 52 1.56 5.25 14.42
C ALA A 52 0.41 4.60 13.68
N ILE A 53 0.44 3.27 13.53
CA ILE A 53 -0.64 2.56 12.86
C ILE A 53 -1.98 2.70 13.61
N ALA A 54 -1.94 2.59 14.94
CA ALA A 54 -3.15 2.77 15.77
C ALA A 54 -3.78 4.16 15.56
N HIS A 55 -2.95 5.19 15.61
CA HIS A 55 -3.42 6.57 15.43
C HIS A 55 -3.96 6.82 14.00
N ALA A 56 -3.27 6.26 13.01
CA ALA A 56 -3.71 6.37 11.59
C ALA A 56 -5.05 5.69 11.35
N LYS A 57 -5.31 4.59 12.05
CA LYS A 57 -6.60 3.93 11.96
C LYS A 57 -7.73 4.76 12.59
N LYS A 58 -7.43 5.49 13.66
CA LYS A 58 -8.42 6.42 14.28
C LYS A 58 -8.59 7.73 13.49
N THR A 59 -7.47 8.34 13.09
CA THR A 59 -7.48 9.70 12.52
C THR A 59 -7.40 9.81 10.99
N SER A 60 -7.07 8.71 10.30
CA SER A 60 -6.95 8.69 8.82
C SER A 60 -5.94 9.72 8.26
N ILE A 61 -4.88 10.01 9.03
CA ILE A 61 -3.74 10.78 8.53
C ILE A 61 -2.52 9.87 8.58
N TRP A 62 -1.68 9.96 7.56
CA TRP A 62 -0.42 9.21 7.49
C TRP A 62 0.74 10.16 7.18
N ALA A 63 1.89 9.91 7.77
CA ALA A 63 3.11 10.65 7.47
C ALA A 63 3.90 9.85 6.43
N VAL A 64 4.31 10.52 5.36
CA VAL A 64 4.97 9.90 4.21
C VAL A 64 6.47 10.13 4.32
N LYS A 65 7.24 9.05 4.16
CA LYS A 65 8.69 9.08 4.25
C LYS A 65 9.30 9.92 3.13
N LYS A 66 10.39 10.61 3.43
CA LYS A 66 11.05 11.46 2.45
C LYS A 66 11.44 10.70 1.17
N ASP A 67 11.91 9.46 1.31
CA ASP A 67 12.39 8.67 0.17
C ASP A 67 11.32 8.42 -0.90
N SER A 68 10.10 8.11 -0.44
CA SER A 68 8.98 7.74 -1.31
C SER A 68 8.02 8.90 -1.64
N SER A 69 8.16 10.03 -0.95
CA SER A 69 7.21 11.15 -1.05
C SER A 69 7.01 11.69 -2.48
N LYS A 70 8.10 11.90 -3.23
CA LYS A 70 7.95 12.49 -4.58
C LYS A 70 7.23 11.55 -5.52
N ARG A 71 7.60 10.27 -5.52
CA ARG A 71 6.92 9.30 -6.40
C ARG A 71 5.42 9.17 -6.07
N ILE A 72 5.10 9.12 -4.77
CA ILE A 72 3.70 9.04 -4.33
C ILE A 72 2.93 10.31 -4.79
N SER A 73 3.52 11.47 -4.54
CA SER A 73 2.90 12.74 -4.94
C SER A 73 2.65 12.78 -6.44
N ASP A 74 3.64 12.35 -7.23
CA ASP A 74 3.50 12.34 -8.69
C ASP A 74 2.42 11.34 -9.13
N ALA A 75 2.39 10.16 -8.50
CA ALA A 75 1.35 9.16 -8.80
C ALA A 75 -0.07 9.68 -8.54
N TYR A 76 -0.19 10.52 -7.51
CA TYR A 76 -1.48 11.10 -7.14
C TYR A 76 -2.06 12.05 -8.22
N LYS A 77 -1.22 12.63 -9.08
CA LYS A 77 -1.65 13.55 -10.16
C LYS A 77 -2.67 12.92 -11.10
N LYS A 78 -2.43 11.68 -11.52
CA LYS A 78 -3.26 11.04 -12.55
C LYS A 78 -3.82 9.65 -12.26
N ALA A 79 -3.53 9.12 -11.07
CA ALA A 79 -4.00 7.79 -10.69
C ALA A 79 -4.77 7.83 -9.39
N SER A 80 -5.64 6.84 -9.21
CA SER A 80 -6.06 6.43 -7.88
C SER A 80 -4.87 5.78 -7.17
N VAL A 81 -4.55 6.25 -5.98
CA VAL A 81 -3.36 5.77 -5.26
C VAL A 81 -3.76 5.09 -3.96
N TYR A 82 -3.20 3.90 -3.73
CA TYR A 82 -3.51 3.11 -2.52
C TYR A 82 -2.26 2.81 -1.72
N PHE A 83 -2.39 2.90 -0.40
CA PHE A 83 -1.39 2.38 0.52
C PHE A 83 -1.84 1.04 1.05
N ILE A 84 -0.94 0.05 0.98
CA ILE A 84 -1.15 -1.24 1.63
C ILE A 84 -0.21 -1.31 2.83
N PHE A 85 -0.80 -1.50 4.02
CA PHE A 85 -0.06 -1.40 5.27
C PHE A 85 0.30 -2.79 5.75
N VAL A 86 1.60 -3.03 5.94
CA VAL A 86 2.12 -4.33 6.37
C VAL A 86 3.09 -4.12 7.56
N ALA A 87 2.99 -4.97 8.57
CA ALA A 87 3.91 -4.91 9.71
C ALA A 87 5.29 -5.35 9.25
N GLN A 88 6.30 -4.54 9.52
CA GLN A 88 7.67 -4.80 9.05
C GLN A 88 8.23 -6.13 9.56
N GLN A 89 8.01 -6.40 10.83
CA GLN A 89 8.65 -7.52 11.52
C GLN A 89 7.93 -8.84 11.27
N THR A 90 6.60 -8.81 11.15
CA THR A 90 5.77 -10.00 11.08
C THR A 90 5.17 -10.27 9.70
N TYR A 91 5.11 -9.24 8.85
CA TYR A 91 4.38 -9.28 7.57
C TYR A 91 2.87 -9.54 7.67
N ASN A 92 2.29 -9.28 8.84
CA ASN A 92 0.83 -9.21 8.94
C ASN A 92 0.32 -8.05 8.09
N ALA A 93 -0.77 -8.27 7.35
CA ALA A 93 -1.48 -7.19 6.66
C ALA A 93 -2.24 -6.39 7.72
N LEU A 94 -2.13 -5.07 7.67
CA LEU A 94 -2.76 -4.17 8.63
C LEU A 94 -3.95 -3.42 8.05
N GLY A 95 -4.03 -3.38 6.71
CA GLY A 95 -5.17 -2.79 6.02
C GLY A 95 -4.72 -2.17 4.73
N TYR A 96 -5.67 -1.60 4.00
CA TYR A 96 -5.32 -0.73 2.91
C TYR A 96 -6.29 0.42 2.83
N ALA A 97 -5.80 1.50 2.23
CA ALA A 97 -6.51 2.77 2.18
C ALA A 97 -6.22 3.47 0.87
N GLN A 98 -7.15 4.32 0.44
CA GLN A 98 -6.83 5.17 -0.69
C GLN A 98 -6.24 6.46 -0.16
N VAL A 99 -5.27 7.00 -0.88
CA VAL A 99 -4.72 8.32 -0.59
C VAL A 99 -5.76 9.32 -1.09
N VAL A 100 -6.28 10.19 -0.22
CA VAL A 100 -7.31 11.17 -0.61
C VAL A 100 -6.87 12.63 -0.48
N SER A 101 -5.60 12.84 -0.15
CA SER A 101 -4.95 14.13 -0.30
C SER A 101 -3.51 13.95 -0.74
N ASP A 102 -3.02 14.93 -1.48
CA ASP A 102 -1.62 15.00 -1.85
C ASP A 102 -0.83 15.33 -0.58
N LEU A 103 0.49 15.22 -0.70
CA LEU A 103 1.41 15.61 0.34
C LEU A 103 1.15 17.05 0.77
N ASN A 104 1.23 17.29 2.08
CA ASN A 104 1.10 18.64 2.58
C ASN A 104 1.83 18.77 3.92
N SER A 105 2.12 20.00 4.29
CA SER A 105 2.79 20.31 5.54
C SER A 105 1.84 20.95 6.57
N THR A 106 0.55 20.94 6.27
CA THR A 106 -0.46 21.59 7.11
C THR A 106 -1.03 20.65 8.14
N GLU A 107 -1.15 19.38 7.80
CA GLU A 107 -1.83 18.41 8.62
C GLU A 107 -0.93 17.19 8.82
N LEU A 108 -0.11 17.22 9.88
CA LEU A 108 0.85 16.17 10.19
C LEU A 108 0.42 15.36 11.43
N PRO A 109 0.63 14.02 11.42
CA PRO A 109 0.39 13.28 12.67
C PRO A 109 1.38 13.69 13.77
N PHE A 110 0.97 13.63 15.03
CA PHE A 110 1.89 13.96 16.14
C PHE A 110 3.16 13.10 16.12
N TRP A 111 3.05 11.89 15.56
CA TRP A 111 4.15 10.91 15.52
C TRP A 111 5.19 11.09 14.42
N SER A 112 5.01 12.05 13.50
CA SER A 112 5.99 12.24 12.44
C SER A 112 7.29 12.83 12.98
N ASP A 113 8.37 12.55 12.26
CA ASP A 113 9.74 12.84 12.65
C ASP A 113 10.53 13.18 11.38
N SER A 114 11.85 13.31 11.52
CA SER A 114 12.73 13.77 10.46
C SER A 114 12.84 12.85 9.24
N SER A 115 12.36 11.61 9.34
CA SER A 115 12.32 10.70 8.17
C SER A 115 11.17 10.99 7.20
N HIS A 116 10.22 11.82 7.63
CA HIS A 116 8.99 12.11 6.89
C HIS A 116 9.02 13.44 6.18
N ALA A 117 8.44 13.50 4.98
CA ALA A 117 8.38 14.72 4.17
C ALA A 117 7.15 15.56 4.51
N GLY A 118 6.07 14.90 4.91
CA GLY A 118 4.83 15.60 5.22
C GLY A 118 3.72 14.61 5.39
N GLY A 119 2.48 15.07 5.36
CA GLY A 119 1.36 14.19 5.65
C GLY A 119 0.49 13.99 4.43
N VAL A 120 -0.34 12.96 4.49
CA VAL A 120 -1.45 12.76 3.55
C VAL A 120 -2.68 12.29 4.32
N ARG A 121 -3.84 12.58 3.76
CA ARG A 121 -5.10 12.03 4.28
C ARG A 121 -5.34 10.74 3.54
N ILE A 122 -5.82 9.74 4.25
CA ILE A 122 -6.19 8.45 3.65
C ILE A 122 -7.65 8.13 3.95
N LYS A 123 -8.23 7.26 3.12
CA LYS A 123 -9.58 6.72 3.35
C LYS A 123 -9.46 5.22 3.46
N TRP A 124 -9.66 4.70 4.66
CA TRP A 124 -9.49 3.27 4.91
C TRP A 124 -10.54 2.51 4.13
N ILE A 125 -10.12 1.43 3.46
CA ILE A 125 -11.03 0.54 2.73
C ILE A 125 -11.24 -0.70 3.60
N LYS A 126 -10.14 -1.30 4.04
CA LYS A 126 -10.16 -2.35 5.04
C LYS A 126 -9.06 -2.14 6.08
N THR A 127 -9.36 -2.55 7.31
CA THR A 127 -8.39 -2.65 8.38
C THR A 127 -8.38 -4.08 8.92
N CYS A 128 -7.22 -4.53 9.36
CA CYS A 128 -7.09 -5.91 9.82
C CYS A 128 -5.80 -6.08 10.60
N ASN A 129 -5.60 -7.25 11.17
CA ASN A 129 -4.32 -7.71 11.67
C ASN A 129 -4.24 -9.16 11.24
N LEU A 130 -3.76 -9.37 10.02
CA LEU A 130 -3.99 -10.62 9.31
C LEU A 130 -2.67 -11.28 8.93
N PHE A 131 -2.52 -12.54 9.26
CA PHE A 131 -1.45 -13.34 8.69
C PHE A 131 -1.99 -14.19 7.56
N SER A 132 -1.37 -14.01 6.39
CA SER A 132 -1.66 -14.78 5.20
C SER A 132 -0.33 -15.14 4.61
N ALA A 133 -0.11 -16.44 4.40
CA ALA A 133 1.17 -16.90 3.87
C ALA A 133 1.39 -16.41 2.44
N GLU A 134 0.31 -16.26 1.66
CA GLU A 134 0.45 -15.65 0.34
C GLU A 134 0.83 -14.19 0.45
N ILE A 135 0.21 -13.44 1.36
CA ILE A 135 0.61 -12.03 1.57
C ILE A 135 2.10 -11.94 1.93
N SER A 136 2.50 -12.72 2.94
CA SER A 136 3.91 -12.82 3.34
C SER A 136 4.84 -13.12 2.17
N GLU A 137 4.45 -14.05 1.31
CA GLU A 137 5.30 -14.42 0.16
C GLU A 137 5.36 -13.29 -0.86
N ILE A 138 4.24 -12.64 -1.12
CA ILE A 138 4.24 -11.47 -2.01
C ILE A 138 5.17 -10.39 -1.49
N VAL A 139 5.05 -10.06 -0.20
CA VAL A 139 5.83 -9.00 0.40
C VAL A 139 7.33 -9.35 0.40
N SER A 140 7.64 -10.61 0.73
CA SER A 140 9.02 -11.14 0.74
C SER A 140 9.76 -11.06 -0.59
N HIS A 141 9.01 -11.05 -1.69
CA HIS A 141 9.60 -11.05 -3.06
C HIS A 141 9.25 -9.80 -3.87
N MET A 142 8.72 -8.77 -3.21
CA MET A 142 8.19 -7.60 -3.93
C MET A 142 9.27 -6.76 -4.64
N ASP A 143 10.48 -6.74 -4.09
CA ASP A 143 11.59 -6.02 -4.73
C ASP A 143 12.35 -6.97 -5.68
N HIS A 144 11.80 -7.16 -6.88
CA HIS A 144 12.40 -8.03 -7.88
C HIS A 144 12.93 -9.33 -7.24
N GLY A 145 12.09 -9.96 -6.43
CA GLY A 145 12.41 -11.22 -5.76
C GLY A 145 12.96 -11.15 -4.35
N SER A 146 13.28 -9.95 -3.87
CA SER A 146 13.76 -9.72 -2.50
C SER A 146 12.71 -8.98 -1.68
N GLU A 147 12.97 -8.86 -0.37
CA GLU A 147 12.00 -8.24 0.55
C GLU A 147 11.62 -6.83 0.15
N ALA A 148 10.35 -6.47 0.38
CA ALA A 148 9.85 -5.13 0.08
C ALA A 148 10.66 -4.06 0.81
N ARG A 149 10.90 -2.96 0.12
CA ARG A 149 11.54 -1.78 0.68
C ARG A 149 10.40 -0.80 1.05
N ASP A 150 10.53 -0.14 2.18
CA ASP A 150 9.48 0.73 2.67
C ASP A 150 9.15 1.84 1.66
N GLY A 151 7.86 1.94 1.34
CA GLY A 151 7.38 2.98 0.45
C GLY A 151 7.49 2.69 -1.01
N MET A 152 8.00 1.50 -1.40
CA MET A 152 8.15 1.18 -2.81
C MET A 152 6.81 1.01 -3.46
N GLU A 153 6.73 1.36 -4.73
CA GLU A 153 5.56 1.04 -5.51
C GLU A 153 5.67 -0.43 -5.90
N MET A 154 4.53 -1.09 -5.98
CA MET A 154 4.45 -2.49 -6.38
C MET A 154 3.74 -2.54 -7.72
N MET A 155 3.72 -3.71 -8.34
CA MET A 155 3.02 -3.87 -9.60
C MET A 155 1.51 -3.85 -9.41
N TYR A 156 0.76 -3.51 -10.46
CA TYR A 156 -0.70 -3.57 -10.44
C TYR A 156 -1.23 -4.90 -9.91
N ASP A 157 -0.68 -6.01 -10.41
CA ASP A 157 -1.16 -7.34 -10.00
C ASP A 157 -0.82 -7.69 -8.56
N GLU A 158 0.30 -7.18 -8.04
CA GLU A 158 0.60 -7.35 -6.62
C GLU A 158 -0.39 -6.59 -5.74
N GLY A 159 -0.65 -5.32 -6.08
CA GLY A 159 -1.58 -4.50 -5.32
C GLY A 159 -2.98 -5.05 -5.37
N SER A 160 -3.41 -5.48 -6.56
CA SER A 160 -4.74 -6.09 -6.72
C SER A 160 -4.88 -7.38 -5.95
N ARG A 161 -3.88 -8.24 -6.04
CA ARG A 161 -3.90 -9.51 -5.28
C ARG A 161 -3.91 -9.30 -3.75
N LEU A 162 -3.12 -8.35 -3.26
CA LEU A 162 -3.13 -8.06 -1.84
C LEU A 162 -4.50 -7.53 -1.40
N CYS A 163 -5.11 -6.65 -2.20
CA CYS A 163 -6.45 -6.14 -1.89
C CYS A 163 -7.46 -7.29 -1.80
N THR A 164 -7.36 -8.19 -2.78
CA THR A 164 -8.22 -9.37 -2.85
C THR A 164 -8.06 -10.28 -1.64
N LEU A 165 -6.81 -10.52 -1.22
CA LEU A 165 -6.53 -11.41 -0.09
C LEU A 165 -7.04 -10.83 1.21
N ILE A 166 -6.82 -9.54 1.40
CA ILE A 166 -7.32 -8.84 2.57
C ILE A 166 -8.85 -8.90 2.58
N ASN A 167 -9.48 -8.57 1.45
CA ASN A 167 -10.95 -8.65 1.33
C ASN A 167 -11.49 -10.02 1.67
N TYR A 168 -10.82 -11.04 1.14
CA TYR A 168 -11.20 -12.42 1.34
C TYR A 168 -11.12 -12.80 2.81
N ALA A 169 -9.98 -12.52 3.45
CA ALA A 169 -9.81 -12.79 4.87
C ALA A 169 -10.93 -12.14 5.68
N ILE A 170 -11.18 -10.87 5.41
CA ILE A 170 -12.20 -10.16 6.16
C ILE A 170 -13.58 -10.79 6.02
N MET A 171 -13.94 -11.13 4.81
CA MET A 171 -15.25 -11.73 4.57
C MET A 171 -15.37 -13.12 5.23
N LYS A 172 -14.25 -13.83 5.34
CA LYS A 172 -14.18 -15.09 6.12
C LYS A 172 -14.07 -14.89 7.64
N ARG A 173 -14.09 -13.66 8.12
CA ARG A 173 -13.98 -13.34 9.53
C ARG A 173 -12.62 -13.80 10.11
N ILE A 174 -11.57 -13.58 9.34
CA ILE A 174 -10.20 -13.91 9.72
C ILE A 174 -9.39 -12.61 9.76
N GLY A 175 -8.68 -12.40 10.86
CA GLY A 175 -7.78 -11.26 10.96
C GLY A 175 -8.45 -9.91 11.10
N ARG A 176 -9.72 -9.91 11.53
CA ARG A 176 -10.44 -8.66 11.76
C ARG A 176 -9.85 -7.92 12.95
N ASP A 177 -9.84 -6.59 12.88
CA ASP A 177 -9.47 -5.77 14.04
C ASP A 177 -10.64 -4.97 14.63
N ARG A 178 -11.83 -5.15 14.07
CA ARG A 178 -13.03 -4.41 14.46
C ARG A 178 -14.19 -5.38 14.49
#